data_8YYO
#
_entry.id   8YYO
#
_cell.length_a   73.226
_cell.length_b   73.226
_cell.length_c   164.778
_cell.angle_alpha   90.00
_cell.angle_beta   90.00
_cell.angle_gamma   90.00
#
_symmetry.space_group_name_H-M   'P 43 21 2'
#
loop_
_entity.id
_entity.type
_entity.pdbx_description
1 polymer Endo-1,4-beta-xylanase
2 non-polymer 'ACETATE ION'
3 non-polymer beta-D-xylopyranose
4 water water
#
_entity_poly.entity_id   1
_entity_poly.type   'polypeptide(L)'
_entity_poly.pdbx_seq_one_letter_code
;DTTNYWQDWTDGVGTVNASNLAGGQYSVSWTNCGNFVVGKGWSTGSPSRVVNYNAGAFSPNGNGYLSLYGWTRSPLIEYY
VVDDWGSYRPTGTYMGTVTSDGGTYDIYTATRVNAPSIDGTQTFTQFWSVRQSKRSIGTNNTITFANHVNAWKSHGMNLG
SSWAYQIIATEGYQSSGYANVTVW
;
_entity_poly.pdbx_strand_id   A,B
#
# COMPACT_ATOMS: atom_id res chain seq x y z
N THR A 2 2.10 7.82 7.76
CA THR A 2 3.27 7.04 7.35
C THR A 2 2.96 6.28 6.07
N THR A 3 3.99 5.72 5.44
CA THR A 3 3.77 5.02 4.18
C THR A 3 2.91 3.79 4.40
N ASN A 4 2.17 3.41 3.36
CA ASN A 4 1.39 2.18 3.43
C ASN A 4 1.66 1.25 2.26
N TYR A 5 2.58 1.61 1.37
CA TYR A 5 2.69 0.89 0.11
C TYR A 5 4.15 0.71 -0.30
N TRP A 6 4.42 -0.47 -0.87
CA TRP A 6 5.74 -0.89 -1.33
C TRP A 6 5.64 -1.26 -2.81
N GLN A 7 6.47 -0.64 -3.64
CA GLN A 7 6.46 -0.94 -5.07
C GLN A 7 7.80 -1.52 -5.48
N ASP A 8 7.77 -2.67 -6.15
CA ASP A 8 9.00 -3.30 -6.60
C ASP A 8 8.69 -3.79 -8.00
N TRP A 9 8.82 -2.92 -9.00
CA TRP A 9 8.55 -3.28 -10.39
C TRP A 9 9.86 -3.25 -11.19
N THR A 10 10.08 -4.30 -11.97
CA THR A 10 11.18 -4.30 -12.92
C THR A 10 10.69 -4.94 -14.22
N ASP A 11 11.30 -4.57 -15.34
CA ASP A 11 10.97 -5.28 -16.56
C ASP A 11 11.73 -6.59 -16.69
N GLY A 12 12.53 -6.96 -15.68
CA GLY A 12 13.19 -8.25 -15.66
C GLY A 12 14.51 -8.31 -16.40
N VAL A 13 14.90 -7.23 -17.08
CA VAL A 13 16.20 -7.15 -17.74
C VAL A 13 17.28 -6.86 -16.71
N GLY A 14 18.37 -7.64 -16.75
CA GLY A 14 19.42 -7.41 -15.77
C GLY A 14 18.95 -7.76 -14.37
N THR A 15 19.75 -7.35 -13.40
CA THR A 15 19.52 -7.75 -12.02
C THR A 15 19.15 -6.52 -11.18
N VAL A 16 17.99 -6.59 -10.53
CA VAL A 16 17.48 -5.54 -9.66
C VAL A 16 17.10 -6.23 -8.35
N ASN A 17 17.82 -5.93 -7.27
CA ASN A 17 17.56 -6.52 -5.95
C ASN A 17 17.00 -5.43 -5.04
N ALA A 18 15.70 -5.51 -4.74
CA ALA A 18 15.00 -4.49 -3.97
C ALA A 18 14.59 -5.09 -2.63
N SER A 19 14.73 -4.30 -1.55
CA SER A 19 14.44 -4.75 -0.20
C SER A 19 13.38 -3.88 0.46
N ASN A 20 12.33 -4.54 0.95
CA ASN A 20 11.24 -3.88 1.68
C ASN A 20 11.62 -3.88 3.15
N LEU A 21 12.26 -2.81 3.60
CA LEU A 21 12.81 -2.74 4.95
C LEU A 21 11.74 -2.20 5.90
N ALA A 22 12.12 -1.98 7.16
CA ALA A 22 11.14 -1.54 8.15
C ALA A 22 10.61 -0.14 7.84
N GLY A 23 9.35 0.08 8.21
CA GLY A 23 8.76 1.41 8.09
C GLY A 23 8.79 1.92 6.66
N GLY A 24 9.23 3.15 6.49
CA GLY A 24 9.26 3.75 5.18
C GLY A 24 10.56 3.56 4.44
N GLN A 25 11.41 2.63 4.88
CA GLN A 25 12.76 2.49 4.32
C GLN A 25 12.82 1.37 3.28
N TYR A 26 13.60 1.60 2.23
CA TYR A 26 13.85 0.57 1.25
C TYR A 26 15.25 0.73 0.71
N SER A 27 15.74 -0.33 0.08
CA SER A 27 17.01 -0.24 -0.61
C SER A 27 16.87 -0.97 -1.93
N VAL A 28 17.74 -0.61 -2.88
CA VAL A 28 17.78 -1.31 -4.15
C VAL A 28 19.18 -1.23 -4.70
N SER A 29 19.67 -2.37 -5.17
CA SER A 29 20.96 -2.49 -5.84
C SER A 29 20.68 -3.06 -7.22
N TRP A 30 21.28 -2.48 -8.26
CA TRP A 30 21.01 -3.00 -9.60
C TRP A 30 22.28 -3.04 -10.45
N THR A 31 22.30 -3.98 -11.40
CA THR A 31 23.42 -4.20 -12.31
C THR A 31 22.89 -4.40 -13.72
N ASN A 32 23.26 -3.49 -14.63
CA ASN A 32 22.87 -3.58 -16.03
C ASN A 32 21.36 -3.78 -16.21
N CYS A 33 20.58 -2.92 -15.57
CA CYS A 33 19.13 -3.08 -15.61
C CYS A 33 18.59 -2.72 -16.99
N GLY A 34 17.30 -2.99 -17.19
CA GLY A 34 16.56 -2.42 -18.28
C GLY A 34 15.88 -1.16 -17.77
N ASN A 35 14.66 -1.33 -17.26
CA ASN A 35 13.92 -0.29 -16.55
C ASN A 35 13.35 -0.90 -15.28
N PHE A 36 13.40 -0.15 -14.19
CA PHE A 36 12.73 -0.57 -12.98
C PHE A 36 12.23 0.66 -12.26
N VAL A 37 11.23 0.47 -11.40
CA VAL A 37 10.68 1.53 -10.57
C VAL A 37 10.40 0.93 -9.20
N VAL A 38 11.18 1.34 -8.19
CA VAL A 38 11.11 0.75 -6.86
C VAL A 38 10.92 1.88 -5.85
N GLY A 39 10.03 1.72 -4.90
CA GLY A 39 9.97 2.76 -3.88
C GLY A 39 8.83 2.54 -2.90
N LYS A 40 8.71 3.51 -1.99
CA LYS A 40 7.70 3.44 -0.94
C LYS A 40 6.86 4.70 -0.94
N GLY A 41 5.60 4.54 -0.54
CA GLY A 41 4.71 5.69 -0.45
C GLY A 41 3.32 5.24 -0.11
N TRP A 42 2.36 5.59 -0.95
CA TRP A 42 0.95 5.41 -0.64
C TRP A 42 0.24 4.77 -1.83
N SER A 43 -0.70 3.87 -1.54
CA SER A 43 -1.37 3.18 -2.65
C SER A 43 -2.37 4.08 -3.36
N THR A 44 -2.86 5.13 -2.69
CA THR A 44 -3.69 6.16 -3.33
C THR A 44 -3.02 7.51 -3.15
N GLY A 45 -2.60 8.12 -4.25
CA GLY A 45 -1.98 9.43 -4.18
C GLY A 45 -2.98 10.51 -3.81
N SER A 46 -2.44 11.61 -3.30
CA SER A 46 -3.20 12.81 -2.97
C SER A 46 -2.52 14.02 -3.56
N PRO A 47 -3.28 14.97 -4.13
CA PRO A 47 -2.64 16.21 -4.63
C PRO A 47 -2.21 17.15 -3.52
N SER A 48 -2.55 16.86 -2.27
CA SER A 48 -2.16 17.72 -1.16
C SER A 48 -1.17 17.06 -0.20
N ARG A 49 -0.65 15.88 -0.55
CA ARG A 49 0.28 15.24 0.37
C ARG A 49 1.60 16.00 0.46
N VAL A 50 2.10 16.12 1.68
CA VAL A 50 3.45 16.61 1.94
C VAL A 50 4.32 15.39 2.21
N VAL A 51 5.31 15.17 1.36
CA VAL A 51 6.13 13.96 1.39
C VAL A 51 7.51 14.32 1.90
N ASN A 52 8.03 13.52 2.82
CA ASN A 52 9.39 13.67 3.29
C ASN A 52 10.20 12.42 3.01
N TYR A 53 11.50 12.61 2.77
CA TYR A 53 12.38 11.46 2.58
C TYR A 53 13.79 11.85 2.95
N ASN A 54 14.60 10.83 3.22
CA ASN A 54 16.04 11.01 3.38
C ASN A 54 16.69 9.87 2.61
N ALA A 55 17.42 10.20 1.55
CA ALA A 55 18.15 9.21 0.77
C ALA A 55 19.49 8.99 1.46
N GLY A 56 19.58 7.92 2.24
CA GLY A 56 20.86 7.55 2.81
C GLY A 56 21.92 7.29 1.76
N ALA A 57 21.51 6.82 0.58
CA ALA A 57 22.41 6.71 -0.55
C ALA A 57 21.59 6.79 -1.83
N PHE A 58 22.14 7.44 -2.84
CA PHE A 58 21.58 7.44 -4.19
C PHE A 58 22.78 7.59 -5.11
N SER A 59 23.28 6.46 -5.62
CA SER A 59 24.52 6.43 -6.37
C SER A 59 24.29 5.65 -7.66
N PRO A 60 23.62 6.27 -8.63
CA PRO A 60 23.48 5.62 -9.93
C PRO A 60 24.82 5.67 -10.66
N ASN A 61 25.12 4.60 -11.38
CA ASN A 61 26.26 4.56 -12.28
C ASN A 61 25.64 4.57 -13.69
N GLY A 62 25.42 5.77 -14.20
CA GLY A 62 24.65 5.95 -15.41
C GLY A 62 23.30 6.57 -15.09
N ASN A 63 22.27 6.15 -15.80
CA ASN A 63 20.97 6.81 -15.74
C ASN A 63 20.14 6.24 -14.59
N GLY A 64 19.84 7.07 -13.61
CA GLY A 64 18.82 6.75 -12.60
C GLY A 64 18.22 8.03 -12.07
N TYR A 65 16.97 7.95 -11.61
CA TYR A 65 16.28 9.09 -11.01
C TYR A 65 15.84 8.80 -9.58
N LEU A 66 15.73 9.86 -8.78
CA LEU A 66 15.10 9.82 -7.48
C LEU A 66 14.00 10.87 -7.51
N SER A 67 12.75 10.43 -7.35
CA SER A 67 11.62 11.31 -7.66
C SER A 67 10.44 10.99 -6.77
N LEU A 68 9.59 12.00 -6.51
CA LEU A 68 8.19 11.70 -6.22
C LEU A 68 7.55 11.27 -7.54
N TYR A 69 6.84 10.15 -7.52
CA TYR A 69 6.43 9.49 -8.74
C TYR A 69 5.07 8.85 -8.55
N GLY A 70 4.21 8.94 -9.57
CA GLY A 70 2.90 8.33 -9.40
C GLY A 70 2.08 8.42 -10.67
N TRP A 71 0.83 7.98 -10.55
CA TRP A 71 -0.07 7.86 -11.69
C TRP A 71 -1.46 8.35 -11.33
N THR A 72 -2.14 8.92 -12.33
CA THR A 72 -3.58 9.07 -12.29
C THR A 72 -4.17 8.38 -13.51
N ARG A 73 -5.46 8.06 -13.41
CA ARG A 73 -6.25 7.64 -14.55
C ARG A 73 -7.32 8.68 -14.83
N SER A 74 -7.91 8.60 -16.03
CA SER A 74 -9.03 9.47 -16.44
C SER A 74 -8.64 10.94 -16.41
N PRO A 75 -7.66 11.37 -17.22
CA PRO A 75 -6.86 10.58 -18.16
C PRO A 75 -5.61 10.00 -17.51
N LEU A 76 -4.96 9.11 -18.27
CA LEU A 76 -3.79 8.39 -17.79
C LEU A 76 -2.57 9.32 -17.83
N ILE A 77 -2.02 9.62 -16.66
CA ILE A 77 -0.91 10.54 -16.52
C ILE A 77 0.13 9.91 -15.61
N GLU A 78 1.38 9.88 -16.07
CA GLU A 78 2.53 9.53 -15.25
C GLU A 78 3.23 10.82 -14.84
N TYR A 79 3.45 11.02 -13.55
CA TYR A 79 4.04 12.29 -13.11
C TYR A 79 5.27 12.06 -12.25
N TYR A 80 6.14 13.07 -12.26
CA TYR A 80 7.44 13.03 -11.60
C TYR A 80 7.71 14.38 -10.95
N VAL A 81 8.23 14.36 -9.74
CA VAL A 81 8.99 15.50 -9.20
C VAL A 81 10.40 14.97 -8.97
N VAL A 82 11.35 15.32 -9.86
CA VAL A 82 12.68 14.73 -9.84
C VAL A 82 13.60 15.60 -8.99
N ASP A 83 14.11 15.06 -7.88
CA ASP A 83 15.10 15.77 -7.08
C ASP A 83 16.54 15.40 -7.42
N ASP A 84 16.82 14.18 -7.85
CA ASP A 84 18.17 13.78 -8.16
C ASP A 84 18.18 12.86 -9.38
N TRP A 85 19.34 12.82 -10.04
CA TRP A 85 19.52 11.97 -11.21
C TRP A 85 20.99 11.63 -11.33
N GLY A 86 21.32 10.75 -12.27
CA GLY A 86 22.68 10.34 -12.46
C GLY A 86 23.30 11.04 -13.66
N SER A 87 23.58 10.28 -14.71
CA SER A 87 24.22 10.83 -15.90
C SER A 87 23.27 11.60 -16.82
N TYR A 88 21.95 11.45 -16.65
CA TYR A 88 21.00 11.99 -17.61
C TYR A 88 19.91 12.78 -16.88
N ARG A 89 19.78 14.06 -17.21
CA ARG A 89 18.69 14.87 -16.65
C ARG A 89 17.46 14.77 -17.54
N PRO A 90 16.33 14.31 -17.04
CA PRO A 90 15.17 14.13 -17.92
C PRO A 90 14.53 15.46 -18.28
N THR A 91 14.06 15.57 -19.53
CA THR A 91 13.39 16.78 -19.98
C THR A 91 12.29 16.42 -20.96
N GLY A 92 11.47 17.42 -21.27
CA GLY A 92 10.42 17.29 -22.28
C GLY A 92 10.17 18.64 -22.89
N THR A 93 8.91 18.96 -23.15
CA THR A 93 8.54 20.27 -23.69
C THR A 93 8.36 21.24 -22.54
N TYR A 94 9.11 22.34 -22.56
CA TYR A 94 9.18 23.28 -21.44
C TYR A 94 7.88 24.08 -21.29
N MET A 95 7.39 24.16 -20.04
CA MET A 95 6.17 24.89 -19.70
C MET A 95 6.40 26.08 -18.78
N GLY A 96 7.44 26.04 -17.97
CA GLY A 96 7.64 27.06 -16.96
C GLY A 96 8.47 26.52 -15.81
N THR A 97 8.45 27.23 -14.69
CA THR A 97 9.18 26.79 -13.50
C THR A 97 8.28 26.86 -12.28
N VAL A 98 8.64 26.07 -11.27
CA VAL A 98 8.03 26.16 -9.94
C VAL A 98 9.15 26.12 -8.91
N THR A 99 9.04 26.97 -7.90
CA THR A 99 9.98 27.04 -6.80
C THR A 99 9.30 26.47 -5.56
N SER A 100 9.88 25.40 -5.00
CA SER A 100 9.28 24.71 -3.88
C SER A 100 10.36 24.03 -3.07
N ASP A 101 10.22 24.08 -1.74
CA ASP A 101 11.10 23.35 -0.84
C ASP A 101 12.57 23.67 -1.12
N GLY A 102 12.85 24.95 -1.40
CA GLY A 102 14.23 25.37 -1.55
C GLY A 102 14.85 25.13 -2.90
N GLY A 103 14.12 24.54 -3.86
CA GLY A 103 14.66 24.32 -5.18
C GLY A 103 13.77 24.93 -6.24
N THR A 104 14.38 25.19 -7.39
CA THR A 104 13.62 25.61 -8.58
C THR A 104 13.60 24.45 -9.58
N TYR A 105 12.40 24.17 -10.08
CA TYR A 105 12.15 23.04 -10.96
C TYR A 105 11.68 23.54 -12.32
N ASP A 106 12.23 22.97 -13.38
CA ASP A 106 11.67 23.15 -14.71
C ASP A 106 10.46 22.23 -14.88
N ILE A 107 9.42 22.76 -15.50
CA ILE A 107 8.19 21.99 -15.75
C ILE A 107 8.18 21.55 -17.20
N TYR A 108 7.89 20.27 -17.44
CA TYR A 108 7.83 19.73 -18.80
C TYR A 108 6.60 18.84 -18.97
N THR A 109 6.12 18.77 -20.22
CA THR A 109 5.17 17.74 -20.64
C THR A 109 5.80 16.84 -21.69
N ALA A 110 5.22 15.64 -21.84
CA ALA A 110 5.62 14.76 -22.91
C ALA A 110 4.48 13.78 -23.19
N THR A 111 4.42 13.30 -24.43
CA THR A 111 3.51 12.23 -24.80
C THR A 111 4.31 10.94 -24.95
N ARG A 112 3.81 9.86 -24.35
CA ARG A 112 4.35 8.52 -24.51
C ARG A 112 3.36 7.71 -25.34
N VAL A 113 3.76 7.30 -26.55
CA VAL A 113 2.88 6.66 -27.51
C VAL A 113 3.02 5.15 -27.40
N ASN A 114 1.91 4.47 -27.13
CA ASN A 114 1.83 3.00 -26.99
C ASN A 114 3.03 2.44 -26.23
N ALA A 115 3.14 2.88 -24.98
CA ALA A 115 4.28 2.64 -24.13
C ALA A 115 3.83 1.96 -22.84
N PRO A 116 4.76 1.36 -22.07
CA PRO A 116 4.34 0.66 -20.84
C PRO A 116 3.78 1.62 -19.79
N SER A 117 2.74 1.15 -19.11
CA SER A 117 2.02 1.97 -18.13
C SER A 117 1.44 1.06 -17.05
N ILE A 118 0.82 1.67 -16.03
CA ILE A 118 0.15 0.89 -15.00
C ILE A 118 -0.96 0.04 -15.58
N ASP A 119 -1.48 0.41 -16.75
CA ASP A 119 -2.56 -0.31 -17.41
C ASP A 119 -2.08 -1.02 -18.67
N GLY A 120 -0.81 -1.40 -18.72
CA GLY A 120 -0.27 -2.03 -19.91
C GLY A 120 0.11 -1.02 -20.97
N THR A 121 0.22 -1.50 -22.21
CA THR A 121 0.56 -0.65 -23.34
C THR A 121 -0.54 0.38 -23.57
N GLN A 122 -0.18 1.67 -23.47
CA GLN A 122 -1.13 2.76 -23.58
C GLN A 122 -0.42 3.98 -24.13
N THR A 123 -1.20 4.88 -24.72
CA THR A 123 -0.71 6.23 -25.00
C THR A 123 -1.11 7.12 -23.83
N PHE A 124 -0.15 7.81 -23.24
CA PHE A 124 -0.42 8.61 -22.06
C PHE A 124 0.50 9.83 -22.03
N THR A 125 0.32 10.67 -21.02
CA THR A 125 1.05 11.91 -20.89
C THR A 125 1.92 11.85 -19.64
N GLN A 126 3.08 12.49 -19.71
CA GLN A 126 3.92 12.70 -18.53
C GLN A 126 3.87 14.17 -18.13
N PHE A 127 3.76 14.41 -16.82
CA PHE A 127 3.97 15.72 -16.22
C PHE A 127 5.26 15.64 -15.41
N TRP A 128 6.19 16.55 -15.67
CA TRP A 128 7.48 16.56 -15.00
C TRP A 128 7.68 17.89 -14.27
N SER A 129 8.15 17.82 -13.02
CA SER A 129 8.97 18.87 -12.41
C SER A 129 10.37 18.30 -12.22
N VAL A 130 11.39 18.95 -12.80
CA VAL A 130 12.76 18.45 -12.71
C VAL A 130 13.63 19.54 -12.08
N ARG A 131 14.26 19.23 -10.94
CA ARG A 131 15.07 20.23 -10.26
C ARG A 131 16.16 20.75 -11.18
N GLN A 132 16.47 22.05 -11.07
CA GLN A 132 17.47 22.61 -11.96
C GLN A 132 18.88 22.20 -11.58
N SER A 133 19.10 21.85 -10.31
CA SER A 133 20.33 21.20 -9.89
C SER A 133 19.97 20.07 -8.95
N LYS A 134 20.88 19.12 -8.79
CA LYS A 134 20.63 17.95 -7.97
C LYS A 134 20.50 18.35 -6.50
N ARG A 135 19.44 17.86 -5.86
CA ARG A 135 19.23 18.13 -4.44
C ARG A 135 20.24 17.38 -3.60
N SER A 136 20.51 17.89 -2.39
CA SER A 136 21.44 17.21 -1.51
C SER A 136 20.93 15.81 -1.13
N ILE A 137 21.87 14.87 -1.01
CA ILE A 137 21.59 13.49 -0.62
C ILE A 137 22.03 13.30 0.82
N GLY A 138 21.26 12.50 1.56
CA GLY A 138 21.53 12.25 2.96
C GLY A 138 20.87 13.24 3.91
N THR A 139 20.04 14.14 3.40
CA THR A 139 19.36 15.15 4.19
C THR A 139 17.86 14.89 4.22
N ASN A 140 17.19 15.39 5.24
CA ASN A 140 15.73 15.27 5.31
C ASN A 140 15.12 16.26 4.33
N ASN A 141 14.51 15.75 3.26
CA ASN A 141 14.03 16.56 2.15
C ASN A 141 12.52 16.47 2.08
N THR A 142 11.86 17.62 1.96
CA THR A 142 10.41 17.67 1.80
C THR A 142 10.05 17.97 0.35
N ILE A 143 9.00 17.33 -0.14
CA ILE A 143 8.36 17.72 -1.40
C ILE A 143 6.94 18.09 -1.05
N THR A 144 6.62 19.37 -1.17
CA THR A 144 5.27 19.86 -0.97
C THR A 144 4.55 19.69 -2.30
N PHE A 145 3.90 18.53 -2.46
CA PHE A 145 3.39 18.17 -3.78
C PHE A 145 2.32 19.14 -4.28
N ALA A 146 1.56 19.74 -3.36
CA ALA A 146 0.52 20.68 -3.78
C ALA A 146 1.10 21.85 -4.57
N ASN A 147 2.32 22.29 -4.24
CA ASN A 147 2.96 23.34 -5.03
C ASN A 147 3.15 22.92 -6.49
N HIS A 148 3.56 21.66 -6.70
CA HIS A 148 3.75 21.18 -8.06
C HIS A 148 2.42 21.00 -8.78
N VAL A 149 1.44 20.39 -8.10
CA VAL A 149 0.10 20.22 -8.66
C VAL A 149 -0.44 21.57 -9.12
N ASN A 150 -0.30 22.59 -8.27
CA ASN A 150 -0.89 23.88 -8.57
C ASN A 150 -0.10 24.65 -9.62
N ALA A 151 1.22 24.47 -9.65
CA ALA A 151 1.99 25.01 -10.77
C ALA A 151 1.60 24.33 -12.07
N TRP A 152 1.52 23.00 -12.05
CA TRP A 152 1.08 22.28 -13.25
C TRP A 152 -0.30 22.77 -13.71
N LYS A 153 -1.25 22.94 -12.79
CA LYS A 153 -2.60 23.38 -13.16
C LYS A 153 -2.56 24.69 -13.94
N SER A 154 -1.66 25.59 -13.55
CA SER A 154 -1.60 26.89 -14.21
C SER A 154 -1.17 26.78 -15.67
N HIS A 155 -0.55 25.66 -16.06
CA HIS A 155 -0.15 25.41 -17.45
C HIS A 155 -1.10 24.45 -18.17
N GLY A 156 -2.29 24.20 -17.63
CA GLY A 156 -3.21 23.26 -18.23
C GLY A 156 -2.88 21.81 -17.96
N MET A 157 -1.90 21.56 -17.10
CA MET A 157 -1.44 20.22 -16.75
C MET A 157 -2.28 19.74 -15.57
N ASN A 158 -3.52 19.33 -15.89
CA ASN A 158 -4.48 18.88 -14.90
C ASN A 158 -4.38 17.37 -14.76
N LEU A 159 -4.24 16.90 -13.53
CA LEU A 159 -4.15 15.47 -13.27
C LEU A 159 -5.52 14.81 -13.40
N GLY A 160 -5.50 13.48 -13.57
CA GLY A 160 -6.71 12.73 -13.76
C GLY A 160 -7.52 12.63 -12.47
N SER A 161 -8.76 12.19 -12.61
CA SER A 161 -9.67 12.19 -11.47
C SER A 161 -9.55 10.95 -10.58
N SER A 162 -8.87 9.91 -11.05
CA SER A 162 -8.72 8.66 -10.32
C SER A 162 -7.26 8.48 -9.97
N TRP A 163 -6.94 8.41 -8.68
CA TRP A 163 -5.56 8.41 -8.21
C TRP A 163 -5.06 6.99 -7.96
N ALA A 164 -3.91 6.67 -8.55
CA ALA A 164 -3.22 5.42 -8.23
C ALA A 164 -2.07 5.69 -7.26
N TYR A 165 -1.02 4.87 -7.29
CA TYR A 165 -0.01 4.97 -6.24
C TYR A 165 0.84 6.23 -6.38
N GLN A 166 1.57 6.53 -5.31
CA GLN A 166 2.34 7.77 -5.18
C GLN A 166 3.52 7.44 -4.27
N ILE A 167 4.75 7.45 -4.80
CA ILE A 167 5.90 6.94 -4.06
C ILE A 167 7.11 7.83 -4.27
N ILE A 168 8.06 7.75 -3.34
CA ILE A 168 9.40 8.25 -3.59
C ILE A 168 10.16 7.11 -4.26
N ALA A 169 10.43 7.27 -5.55
CA ALA A 169 10.84 6.16 -6.41
C ALA A 169 12.29 6.29 -6.83
N THR A 170 13.01 5.18 -6.79
CA THR A 170 14.28 5.04 -7.49
C THR A 170 13.97 4.37 -8.82
N GLU A 171 14.39 5.00 -9.93
CA GLU A 171 14.14 4.47 -11.27
C GLU A 171 15.46 4.41 -12.01
N GLY A 172 15.74 3.29 -12.67
CA GLY A 172 16.97 3.13 -13.41
C GLY A 172 16.65 2.82 -14.87
N TYR A 173 17.57 3.18 -15.75
CA TYR A 173 17.43 2.88 -17.17
C TYR A 173 18.80 2.51 -17.74
N GLN A 174 18.95 1.25 -18.12
CA GLN A 174 20.18 0.74 -18.73
C GLN A 174 21.41 1.17 -17.94
N SER A 175 21.39 0.89 -16.64
CA SER A 175 22.44 1.41 -15.76
C SER A 175 22.69 0.40 -14.65
N SER A 176 23.58 0.80 -13.73
CA SER A 176 23.83 0.07 -12.50
C SER A 176 23.77 1.08 -11.36
N GLY A 177 23.57 0.61 -10.14
CA GLY A 177 23.61 1.56 -9.04
C GLY A 177 23.17 0.97 -7.72
N TYR A 178 23.06 1.86 -6.74
N TYR A 178 22.98 1.88 -6.77
CA TYR A 178 22.61 1.51 -5.39
CA TYR A 178 22.67 1.57 -5.37
C TYR A 178 21.87 2.71 -4.83
C TYR A 178 21.87 2.74 -4.81
N ALA A 179 20.83 2.43 -4.05
CA ALA A 179 20.07 3.48 -3.39
C ALA A 179 19.51 2.93 -2.09
N ASN A 180 19.38 3.81 -1.11
CA ASN A 180 18.76 3.47 0.16
C ASN A 180 18.00 4.72 0.63
N VAL A 181 16.69 4.61 0.78
CA VAL A 181 15.83 5.77 0.98
C VAL A 181 14.83 5.46 2.09
N THR A 182 14.55 6.46 2.92
CA THR A 182 13.51 6.38 3.94
C THR A 182 12.46 7.45 3.66
N VAL A 183 11.19 7.06 3.65
CA VAL A 183 10.06 7.89 3.24
C VAL A 183 9.09 8.02 4.41
N TRP A 184 8.53 9.24 4.59
CA TRP A 184 7.44 9.41 5.56
C TRP A 184 6.54 10.61 5.23
N THR B 2 5.26 -11.25 -2.65
CA THR B 2 5.14 -11.01 -1.22
C THR B 2 4.22 -9.82 -0.96
N THR B 3 4.17 -9.36 0.28
CA THR B 3 3.25 -8.30 0.66
C THR B 3 3.71 -6.94 0.12
N ASN B 4 2.75 -6.06 -0.09
CA ASN B 4 3.10 -4.71 -0.54
C ASN B 4 2.31 -3.63 0.18
N TYR B 5 1.53 -3.99 1.19
CA TYR B 5 0.62 -3.02 1.83
C TYR B 5 0.70 -3.13 3.35
N TRP B 6 0.62 -1.97 4.00
CA TRP B 6 0.71 -1.85 5.45
C TRP B 6 -0.47 -1.01 5.92
N GLN B 7 -1.31 -1.59 6.76
CA GLN B 7 -2.51 -0.95 7.28
C GLN B 7 -2.31 -0.57 8.74
N ASP B 8 -2.51 0.73 9.05
CA ASP B 8 -2.42 1.23 10.43
C ASP B 8 -3.53 2.25 10.61
N TRP B 9 -4.68 1.80 11.10
CA TRP B 9 -5.82 2.67 11.32
C TRP B 9 -6.28 2.57 12.77
N THR B 10 -6.57 3.72 13.38
CA THR B 10 -7.20 3.74 14.70
C THR B 10 -8.25 4.84 14.70
N ASP B 11 -9.29 4.66 15.50
CA ASP B 11 -10.23 5.76 15.69
C ASP B 11 -9.70 6.80 16.67
N GLY B 12 -8.49 6.62 17.20
CA GLY B 12 -7.83 7.62 18.01
C GLY B 12 -8.04 7.47 19.50
N VAL B 13 -8.90 6.56 19.93
CA VAL B 13 -9.13 6.33 21.35
C VAL B 13 -7.98 5.50 21.92
N GLY B 14 -7.51 5.90 23.10
CA GLY B 14 -6.48 5.10 23.76
C GLY B 14 -5.13 5.21 23.05
N THR B 15 -4.31 4.19 23.24
CA THR B 15 -2.96 4.15 22.68
C THR B 15 -2.84 2.91 21.81
N VAL B 16 -2.46 3.11 20.56
CA VAL B 16 -2.26 2.01 19.61
C VAL B 16 -0.94 2.30 18.90
N ASN B 17 0.11 1.54 19.22
CA ASN B 17 1.43 1.72 18.62
C ASN B 17 1.70 0.53 17.71
N ALA B 18 1.61 0.77 16.40
CA ALA B 18 1.83 -0.26 15.39
C ALA B 18 3.22 -0.10 14.79
N SER B 19 3.89 -1.24 14.58
CA SER B 19 5.25 -1.25 14.01
C SER B 19 5.24 -2.02 12.68
N ASN B 20 5.58 -1.31 11.61
CA ASN B 20 5.83 -1.88 10.29
C ASN B 20 7.26 -2.39 10.24
N LEU B 21 7.45 -3.70 10.42
CA LEU B 21 8.78 -4.28 10.39
C LEU B 21 9.16 -4.63 8.95
N ALA B 22 10.38 -5.11 8.74
CA ALA B 22 10.82 -5.45 7.39
C ALA B 22 9.95 -6.56 6.81
N GLY B 23 9.75 -6.53 5.49
CA GLY B 23 9.01 -7.61 4.86
C GLY B 23 7.56 -7.64 5.30
N GLY B 24 7.06 -8.85 5.58
CA GLY B 24 5.66 -9.01 5.93
C GLY B 24 5.37 -9.02 7.42
N GLN B 25 6.32 -8.61 8.26
CA GLN B 25 6.13 -8.74 9.70
C GLN B 25 5.61 -7.45 10.31
N TYR B 26 4.78 -7.58 11.35
CA TYR B 26 4.37 -6.39 12.08
C TYR B 26 4.12 -6.73 13.53
N SER B 27 4.05 -5.68 14.36
CA SER B 27 3.59 -5.84 15.72
C SER B 27 2.70 -4.66 16.06
N VAL B 28 1.90 -4.82 17.10
CA VAL B 28 1.08 -3.72 17.59
C VAL B 28 0.88 -3.91 19.08
N SER B 29 1.00 -2.82 19.83
CA SER B 29 0.72 -2.78 21.24
C SER B 29 -0.43 -1.82 21.44
N TRP B 30 -1.39 -2.17 22.30
CA TRP B 30 -2.48 -1.22 22.51
C TRP B 30 -2.98 -1.25 23.94
N THR B 31 -3.44 -0.08 24.39
CA THR B 31 -3.93 0.11 25.76
C THR B 31 -5.23 0.89 25.69
N ASN B 32 -6.31 0.28 26.20
CA ASN B 32 -7.62 0.94 26.30
C ASN B 32 -8.03 1.59 24.99
N CYS B 33 -7.96 0.80 23.92
CA CYS B 33 -8.31 1.30 22.60
C CYS B 33 -9.81 1.54 22.48
N GLY B 34 -10.20 2.19 21.39
CA GLY B 34 -11.59 2.19 20.96
C GLY B 34 -11.73 1.10 19.91
N ASN B 35 -11.41 1.44 18.66
CA ASN B 35 -11.35 0.45 17.59
C ASN B 35 -10.11 0.73 16.75
N PHE B 36 -9.43 -0.33 16.34
CA PHE B 36 -8.25 -0.18 15.49
C PHE B 36 -8.16 -1.41 14.61
N VAL B 37 -7.49 -1.24 13.47
CA VAL B 37 -7.21 -2.33 12.52
C VAL B 37 -5.79 -2.14 12.01
N VAL B 38 -4.92 -3.12 12.24
CA VAL B 38 -3.51 -3.08 11.85
C VAL B 38 -3.16 -4.38 11.15
N GLY B 39 -2.41 -4.30 10.04
CA GLY B 39 -1.94 -5.55 9.47
C GLY B 39 -1.20 -5.37 8.16
N LYS B 40 -0.72 -6.49 7.64
CA LYS B 40 0.07 -6.51 6.42
C LYS B 40 -0.60 -7.39 5.38
N GLY B 41 -0.39 -7.04 4.12
CA GLY B 41 -0.97 -7.80 3.03
C GLY B 41 -0.77 -7.10 1.71
N TRP B 42 -1.85 -6.93 0.95
CA TRP B 42 -1.79 -6.52 -0.43
C TRP B 42 -2.71 -5.34 -0.67
N SER B 43 -2.26 -4.39 -1.51
CA SER B 43 -3.06 -3.20 -1.76
C SER B 43 -4.30 -3.52 -2.57
N THR B 44 -4.25 -4.57 -3.40
CA THR B 44 -5.41 -5.04 -4.16
C THR B 44 -5.67 -6.50 -3.81
N GLY B 45 -6.82 -6.76 -3.19
CA GLY B 45 -7.17 -8.13 -2.86
C GLY B 45 -7.51 -8.94 -4.10
N SER B 46 -7.42 -10.25 -3.94
CA SER B 46 -7.79 -11.22 -4.97
C SER B 46 -8.69 -12.29 -4.35
N PRO B 47 -9.77 -12.66 -5.03
CA PRO B 47 -10.62 -13.75 -4.51
C PRO B 47 -9.95 -15.11 -4.58
N SER B 48 -8.79 -15.24 -5.20
CA SER B 48 -8.08 -16.52 -5.28
C SER B 48 -6.74 -16.49 -4.55
N ARG B 49 -6.48 -15.48 -3.72
CA ARG B 49 -5.19 -15.44 -3.05
C ARG B 49 -5.11 -16.52 -1.98
N VAL B 50 -3.95 -17.19 -1.93
CA VAL B 50 -3.60 -18.07 -0.84
C VAL B 50 -2.69 -17.28 0.10
N VAL B 51 -3.15 -17.07 1.33
CA VAL B 51 -2.48 -16.23 2.31
C VAL B 51 -1.88 -17.10 3.40
N ASN B 52 -0.64 -16.81 3.78
CA ASN B 52 0.03 -17.51 4.85
C ASN B 52 0.44 -16.53 5.94
N TYR B 53 0.39 -16.97 7.18
CA TYR B 53 0.85 -16.12 8.26
C TYR B 53 1.31 -16.99 9.42
N ASN B 54 2.08 -16.37 10.31
CA ASN B 54 2.47 -16.99 11.57
C ASN B 54 2.37 -15.92 12.64
N ALA B 55 1.50 -16.14 13.62
CA ALA B 55 1.37 -15.18 14.72
C ALA B 55 2.30 -15.63 15.85
N GLY B 56 3.45 -14.96 15.96
CA GLY B 56 4.35 -15.22 17.07
C GLY B 56 3.73 -14.85 18.41
N ALA B 57 2.84 -13.87 18.42
CA ALA B 57 2.06 -13.50 19.59
C ALA B 57 0.70 -12.98 19.17
N PHE B 58 -0.35 -13.40 19.87
CA PHE B 58 -1.67 -12.79 19.69
C PHE B 58 -2.29 -12.74 21.08
N SER B 59 -2.16 -11.59 21.75
CA SER B 59 -2.46 -11.49 23.18
C SER B 59 -3.51 -10.40 23.46
N PRO B 60 -4.70 -10.52 22.88
CA PRO B 60 -5.77 -9.60 23.28
C PRO B 60 -6.17 -9.86 24.72
N ASN B 61 -6.18 -8.82 25.54
CA ASN B 61 -6.67 -8.91 26.90
C ASN B 61 -8.06 -8.27 26.84
N GLY B 62 -9.06 -9.09 26.55
CA GLY B 62 -10.35 -8.60 26.12
C GLY B 62 -10.57 -8.87 24.65
N ASN B 63 -11.27 -7.95 23.97
CA ASN B 63 -11.79 -8.16 22.63
C ASN B 63 -10.73 -7.83 21.58
N GLY B 64 -10.28 -8.85 20.87
CA GLY B 64 -9.47 -8.64 19.68
C GLY B 64 -9.65 -9.80 18.72
N TYR B 65 -9.46 -9.53 17.41
CA TYR B 65 -9.53 -10.54 16.37
C TYR B 65 -8.22 -10.66 15.63
N LEU B 66 -7.99 -11.84 15.07
CA LEU B 66 -6.92 -12.08 14.10
C LEU B 66 -7.57 -12.71 12.88
N SER B 67 -7.54 -12.01 11.74
CA SER B 67 -8.34 -12.40 10.58
C SER B 67 -7.65 -12.06 9.28
N LEU B 68 -7.98 -12.82 8.23
CA LEU B 68 -7.90 -12.27 6.89
C LEU B 68 -9.03 -11.25 6.75
N TYR B 69 -8.69 -10.07 6.25
CA TYR B 69 -9.59 -8.93 6.36
C TYR B 69 -9.39 -8.05 5.14
N GLY B 70 -10.50 -7.55 4.58
CA GLY B 70 -10.36 -6.70 3.42
C GLY B 70 -11.68 -6.09 3.02
N TRP B 71 -11.66 -5.35 1.91
CA TRP B 71 -12.83 -4.66 1.41
C TRP B 71 -12.95 -4.86 -0.10
N THR B 72 -14.19 -4.81 -0.59
CA THR B 72 -14.45 -4.52 -2.00
C THR B 72 -15.32 -3.28 -2.09
N ARG B 73 -15.37 -2.71 -3.29
CA ARG B 73 -16.34 -1.70 -3.66
C ARG B 73 -17.19 -2.24 -4.81
N SER B 74 -18.32 -1.57 -5.06
CA SER B 74 -19.32 -1.92 -6.07
C SER B 74 -19.77 -3.38 -5.96
N PRO B 75 -20.49 -3.74 -4.90
CA PRO B 75 -20.85 -2.93 -3.74
C PRO B 75 -19.76 -2.88 -2.66
N LEU B 76 -19.93 -1.97 -1.71
CA LEU B 76 -19.03 -1.84 -0.58
C LEU B 76 -19.26 -2.98 0.39
N ILE B 77 -18.23 -3.80 0.62
CA ILE B 77 -18.33 -4.96 1.50
C ILE B 77 -17.06 -5.05 2.34
N GLU B 78 -17.23 -5.27 3.64
CA GLU B 78 -16.12 -5.56 4.55
C GLU B 78 -16.17 -7.05 4.87
N TYR B 79 -15.05 -7.75 4.69
CA TYR B 79 -15.06 -9.21 4.88
C TYR B 79 -13.96 -9.66 5.82
N TYR B 80 -14.24 -10.77 6.52
CA TYR B 80 -13.39 -11.35 7.54
C TYR B 80 -13.32 -12.85 7.36
N VAL B 81 -12.12 -13.42 7.54
CA VAL B 81 -11.95 -14.85 7.83
C VAL B 81 -11.20 -14.91 9.16
N VAL B 82 -11.92 -15.16 10.24
CA VAL B 82 -11.38 -15.03 11.59
C VAL B 82 -10.83 -16.38 12.05
N ASP B 83 -9.52 -16.41 12.36
CA ASP B 83 -8.88 -17.61 12.89
C ASP B 83 -8.73 -17.60 14.41
N ASP B 84 -8.68 -16.43 15.03
CA ASP B 84 -8.42 -16.35 16.45
C ASP B 84 -9.15 -15.14 17.00
N TRP B 85 -9.46 -15.17 18.29
CA TRP B 85 -10.12 -14.04 18.92
C TRP B 85 -9.81 -14.08 20.41
N GLY B 86 -10.25 -13.05 21.11
CA GLY B 86 -10.01 -12.94 22.53
C GLY B 86 -11.23 -13.35 23.33
N SER B 87 -11.80 -12.40 24.05
CA SER B 87 -12.93 -12.67 24.93
C SER B 87 -14.26 -12.79 24.19
N TYR B 88 -14.32 -12.34 22.94
CA TYR B 88 -15.59 -12.23 22.22
C TYR B 88 -15.46 -12.87 20.84
N ARG B 89 -16.28 -13.88 20.56
CA ARG B 89 -16.33 -14.51 19.25
C ARG B 89 -17.33 -13.78 18.36
N PRO B 90 -16.90 -13.25 17.21
CA PRO B 90 -17.83 -12.48 16.38
C PRO B 90 -18.84 -13.40 15.73
N THR B 91 -20.11 -12.96 15.73
CA THR B 91 -21.18 -13.69 15.09
C THR B 91 -22.12 -12.71 14.41
N GLY B 92 -22.95 -13.23 13.52
CA GLY B 92 -23.97 -12.45 12.85
C GLY B 92 -25.13 -13.36 12.47
N THR B 93 -25.76 -13.06 11.34
CA THR B 93 -26.82 -13.90 10.80
C THR B 93 -26.22 -15.17 10.23
N TYR B 94 -26.53 -16.32 10.83
CA TYR B 94 -25.94 -17.58 10.40
C TYR B 94 -26.37 -17.97 8.99
N MET B 95 -25.42 -18.45 8.19
CA MET B 95 -25.69 -18.85 6.82
C MET B 95 -25.30 -20.27 6.50
N GLY B 96 -24.36 -20.86 7.22
CA GLY B 96 -23.85 -22.18 6.89
C GLY B 96 -22.43 -22.32 7.42
N THR B 97 -21.74 -23.33 6.89
CA THR B 97 -20.36 -23.59 7.28
C THR B 97 -19.51 -23.87 6.05
N VAL B 98 -18.21 -23.75 6.22
CA VAL B 98 -17.23 -24.11 5.20
C VAL B 98 -16.01 -24.71 5.89
N THR B 99 -15.46 -25.77 5.32
CA THR B 99 -14.22 -26.32 5.81
C THR B 99 -13.09 -25.85 4.91
N SER B 100 -11.97 -25.48 5.52
CA SER B 100 -10.85 -24.95 4.77
C SER B 100 -9.61 -25.00 5.65
N ASP B 101 -8.51 -25.43 5.05
CA ASP B 101 -7.20 -25.40 5.72
C ASP B 101 -7.25 -26.07 7.08
N GLY B 102 -7.91 -27.23 7.14
CA GLY B 102 -7.94 -28.01 8.35
C GLY B 102 -8.90 -27.54 9.43
N GLY B 103 -9.73 -26.54 9.14
CA GLY B 103 -10.66 -26.04 10.13
C GLY B 103 -12.05 -25.87 9.53
N THR B 104 -13.04 -25.76 10.42
CA THR B 104 -14.41 -25.52 10.01
C THR B 104 -14.86 -24.15 10.53
N TYR B 105 -15.46 -23.36 9.63
CA TYR B 105 -15.85 -22.00 9.92
C TYR B 105 -17.35 -21.85 9.80
N ASP B 106 -17.94 -21.08 10.71
CA ASP B 106 -19.31 -20.61 10.55
C ASP B 106 -19.33 -19.37 9.66
N ILE B 107 -20.33 -19.32 8.78
CA ILE B 107 -20.51 -18.22 7.84
C ILE B 107 -21.62 -17.33 8.37
N TYR B 108 -21.35 -16.02 8.46
CA TYR B 108 -22.35 -15.05 8.93
C TYR B 108 -22.39 -13.84 8.01
N THR B 109 -23.54 -13.16 8.01
CA THR B 109 -23.65 -11.83 7.42
C THR B 109 -24.06 -10.85 8.51
N ALA B 110 -23.78 -9.57 8.27
CA ALA B 110 -24.14 -8.53 9.21
C ALA B 110 -24.25 -7.22 8.45
N THR B 111 -25.00 -6.29 9.02
CA THR B 111 -25.17 -4.97 8.44
C THR B 111 -24.56 -3.94 9.38
N ARG B 112 -23.76 -3.04 8.83
CA ARG B 112 -23.16 -1.94 9.58
C ARG B 112 -23.79 -0.64 9.12
N VAL B 113 -24.26 0.17 10.06
CA VAL B 113 -25.01 1.40 9.78
C VAL B 113 -24.23 2.59 10.28
N ASN B 114 -23.99 3.57 9.39
CA ASN B 114 -23.26 4.80 9.70
C ASN B 114 -21.93 4.50 10.41
N ALA B 115 -21.19 3.55 9.85
CA ALA B 115 -19.94 3.10 10.44
C ALA B 115 -18.74 3.59 9.64
N PRO B 116 -17.55 3.66 10.25
CA PRO B 116 -16.35 3.94 9.47
C PRO B 116 -16.15 2.91 8.38
N SER B 117 -15.59 3.36 7.26
CA SER B 117 -15.31 2.48 6.13
C SER B 117 -14.19 3.11 5.31
N ILE B 118 -13.77 2.40 4.27
CA ILE B 118 -12.77 2.94 3.37
C ILE B 118 -13.32 4.09 2.54
N ASP B 119 -14.64 4.28 2.56
CA ASP B 119 -15.30 5.38 1.86
C ASP B 119 -15.94 6.34 2.87
N GLY B 120 -15.29 6.53 4.02
CA GLY B 120 -15.87 7.35 5.05
C GLY B 120 -17.06 6.68 5.72
N THR B 121 -17.82 7.49 6.45
CA THR B 121 -19.00 6.99 7.14
C THR B 121 -20.02 6.48 6.14
N GLN B 122 -20.36 5.19 6.23
CA GLN B 122 -21.28 4.55 5.28
C GLN B 122 -22.09 3.49 5.99
N THR B 123 -23.05 2.93 5.25
CA THR B 123 -23.81 1.77 5.66
C THR B 123 -23.52 0.65 4.66
N PHE B 124 -23.15 -0.53 5.16
CA PHE B 124 -22.65 -1.59 4.28
C PHE B 124 -22.85 -2.96 4.93
N THR B 125 -22.55 -3.99 4.14
CA THR B 125 -22.70 -5.39 4.54
C THR B 125 -21.33 -5.98 4.86
N GLN B 126 -21.31 -6.89 5.84
CA GLN B 126 -20.14 -7.66 6.22
C GLN B 126 -20.33 -9.13 5.90
N PHE B 127 -19.31 -9.76 5.32
CA PHE B 127 -19.23 -11.21 5.18
C PHE B 127 -18.22 -11.74 6.18
N TRP B 128 -18.60 -12.81 6.90
CA TRP B 128 -17.74 -13.43 7.91
C TRP B 128 -17.61 -14.91 7.68
N SER B 129 -16.38 -15.42 7.77
CA SER B 129 -16.12 -16.80 8.14
C SER B 129 -15.42 -16.77 9.48
N VAL B 130 -15.98 -17.43 10.49
CA VAL B 130 -15.41 -17.45 11.82
C VAL B 130 -15.14 -18.90 12.20
N ARG B 131 -13.88 -19.20 12.55
CA ARG B 131 -13.52 -20.57 12.87
C ARG B 131 -14.32 -21.02 14.09
N GLN B 132 -14.72 -22.29 14.08
CA GLN B 132 -15.55 -22.79 15.18
C GLN B 132 -14.76 -22.92 16.46
N SER B 133 -13.47 -23.21 16.36
CA SER B 133 -12.56 -23.12 17.49
C SER B 133 -11.34 -22.30 17.07
N LYS B 134 -10.64 -21.78 18.07
CA LYS B 134 -9.48 -20.92 17.83
C LYS B 134 -8.33 -21.71 17.21
N ARG B 135 -7.72 -21.13 16.19
CA ARG B 135 -6.61 -21.78 15.52
C ARG B 135 -5.36 -21.68 16.39
N SER B 136 -4.41 -22.59 16.17
CA SER B 136 -3.15 -22.47 16.90
C SER B 136 -2.41 -21.22 16.44
N ILE B 137 -1.67 -20.62 17.37
CA ILE B 137 -0.74 -19.55 17.02
C ILE B 137 0.68 -20.11 17.11
N GLY B 138 1.64 -19.30 16.66
CA GLY B 138 2.99 -19.79 16.60
C GLY B 138 3.26 -20.79 15.50
N THR B 139 2.28 -21.04 14.63
CA THR B 139 2.37 -22.03 13.56
C THR B 139 2.13 -21.37 12.21
N ASN B 140 2.72 -21.95 11.17
CA ASN B 140 2.50 -21.46 9.80
C ASN B 140 1.09 -21.85 9.37
N ASN B 141 0.21 -20.87 9.27
CA ASN B 141 -1.19 -21.08 8.98
C ASN B 141 -1.51 -20.54 7.59
N THR B 142 -2.27 -21.33 6.83
CA THR B 142 -2.71 -20.95 5.49
C THR B 142 -4.21 -20.66 5.53
N ILE B 143 -4.62 -19.61 4.80
CA ILE B 143 -6.04 -19.35 4.54
C ILE B 143 -6.19 -19.34 3.03
N THR B 144 -6.86 -20.37 2.50
CA THR B 144 -7.13 -20.46 1.08
C THR B 144 -8.42 -19.70 0.83
N PHE B 145 -8.27 -18.40 0.49
CA PHE B 145 -9.41 -17.51 0.46
C PHE B 145 -10.48 -17.97 -0.53
N ALA B 146 -10.07 -18.62 -1.63
CA ALA B 146 -11.03 -19.06 -2.63
C ALA B 146 -12.11 -19.96 -2.03
N ASN B 147 -11.72 -20.84 -1.10
CA ASN B 147 -12.71 -21.71 -0.46
C ASN B 147 -13.78 -20.90 0.26
N HIS B 148 -13.42 -19.75 0.83
CA HIS B 148 -14.41 -18.93 1.50
C HIS B 148 -15.24 -18.13 0.50
N VAL B 149 -14.59 -17.53 -0.50
CA VAL B 149 -15.30 -16.81 -1.55
C VAL B 149 -16.38 -17.72 -2.17
N ASN B 150 -16.00 -18.96 -2.48
CA ASN B 150 -16.93 -19.87 -3.14
C ASN B 150 -18.07 -20.27 -2.21
N ALA B 151 -17.75 -20.61 -0.96
CA ALA B 151 -18.80 -20.89 0.00
C ALA B 151 -19.72 -19.69 0.17
N TRP B 152 -19.16 -18.49 0.25
CA TRP B 152 -19.98 -17.28 0.36
C TRP B 152 -20.90 -17.14 -0.84
N LYS B 153 -20.35 -17.25 -2.05
CA LYS B 153 -21.13 -17.28 -3.29
C LYS B 153 -22.35 -18.19 -3.19
N SER B 154 -22.14 -19.41 -2.68
CA SER B 154 -23.21 -20.41 -2.63
C SER B 154 -24.34 -20.01 -1.69
N HIS B 155 -24.12 -19.03 -0.79
CA HIS B 155 -25.17 -18.51 0.06
C HIS B 155 -25.63 -17.12 -0.36
N GLY B 156 -25.37 -16.73 -1.61
CA GLY B 156 -25.80 -15.43 -2.08
C GLY B 156 -24.97 -14.27 -1.59
N MET B 157 -23.81 -14.53 -1.00
CA MET B 157 -22.90 -13.48 -0.52
C MET B 157 -21.91 -13.20 -1.63
N ASN B 158 -22.15 -12.11 -2.38
CA ASN B 158 -21.41 -11.77 -3.57
C ASN B 158 -20.55 -10.54 -3.29
N LEU B 159 -19.24 -10.70 -3.47
CA LEU B 159 -18.29 -9.61 -3.25
C LEU B 159 -18.36 -8.60 -4.38
N GLY B 160 -17.87 -7.40 -4.11
CA GLY B 160 -17.84 -6.35 -5.10
C GLY B 160 -16.84 -6.63 -6.20
N SER B 161 -16.98 -5.86 -7.29
CA SER B 161 -16.10 -6.04 -8.44
C SER B 161 -14.80 -5.24 -8.35
N SER B 162 -14.72 -4.27 -7.44
CA SER B 162 -13.54 -3.44 -7.27
C SER B 162 -12.87 -3.79 -5.95
N TRP B 163 -11.63 -4.28 -6.01
CA TRP B 163 -10.95 -4.83 -4.85
C TRP B 163 -10.03 -3.79 -4.22
N ALA B 164 -10.21 -3.56 -2.92
CA ALA B 164 -9.33 -2.74 -2.11
C ALA B 164 -8.36 -3.66 -1.36
N TYR B 165 -7.82 -3.19 -0.22
CA TYR B 165 -6.72 -3.93 0.38
C TYR B 165 -7.20 -5.24 1.00
N GLN B 166 -6.25 -6.10 1.32
CA GLN B 166 -6.49 -7.47 1.80
C GLN B 166 -5.32 -7.84 2.69
N ILE B 167 -5.56 -8.01 4.00
CA ILE B 167 -4.47 -8.11 4.96
C ILE B 167 -4.78 -9.20 5.98
N ILE B 168 -3.74 -9.66 6.66
CA ILE B 168 -3.91 -10.40 7.90
C ILE B 168 -3.89 -9.35 9.01
N ALA B 169 -5.05 -9.11 9.61
CA ALA B 169 -5.30 -7.95 10.46
C ALA B 169 -5.46 -8.35 11.91
N THR B 170 -4.81 -7.57 12.78
CA THR B 170 -5.13 -7.55 14.20
C THR B 170 -6.12 -6.42 14.44
N GLU B 171 -7.27 -6.73 15.04
CA GLU B 171 -8.30 -5.72 15.28
C GLU B 171 -8.70 -5.79 16.75
N GLY B 172 -8.80 -4.65 17.41
CA GLY B 172 -9.18 -4.58 18.80
C GLY B 172 -10.41 -3.70 19.01
N TYR B 173 -11.14 -4.00 20.09
CA TYR B 173 -12.32 -3.22 20.45
C TYR B 173 -12.37 -3.09 21.97
N GLN B 174 -12.15 -1.87 22.47
CA GLN B 174 -12.30 -1.57 23.90
C GLN B 174 -11.50 -2.56 24.74
N SER B 175 -10.23 -2.72 24.38
CA SER B 175 -9.37 -3.72 25.01
C SER B 175 -7.94 -3.19 25.07
N SER B 176 -7.04 -4.05 25.54
CA SER B 176 -5.60 -3.79 25.57
C SER B 176 -4.91 -5.06 25.08
N GLY B 177 -3.68 -4.95 24.60
CA GLY B 177 -3.01 -6.17 24.22
C GLY B 177 -1.77 -5.94 23.38
N TYR B 178 -1.29 -7.05 22.81
CA TYR B 178 -0.08 -7.10 21.99
C TYR B 178 -0.26 -8.19 20.95
N ALA B 179 0.30 -7.95 19.77
CA ALA B 179 0.35 -8.99 18.75
C ALA B 179 1.61 -8.82 17.91
N ASN B 180 2.08 -9.94 17.36
CA ASN B 180 3.25 -9.97 16.49
C ASN B 180 2.97 -11.01 15.42
N VAL B 181 2.93 -10.61 14.14
CA VAL B 181 2.45 -11.48 13.07
C VAL B 181 3.35 -11.31 11.86
N THR B 182 3.63 -12.42 11.17
CA THR B 182 4.37 -12.38 9.90
C THR B 182 3.46 -12.92 8.80
N VAL B 183 3.42 -12.23 7.66
CA VAL B 183 2.47 -12.50 6.59
C VAL B 183 3.25 -12.72 5.30
N TRP B 184 2.84 -13.71 4.52
CA TRP B 184 3.45 -13.88 3.20
C TRP B 184 2.51 -14.60 2.21
#